data_1QUB
#
_entry.id   1QUB
#
_cell.length_a   161.170
_cell.length_b   166.490
_cell.length_c   114.510
_cell.angle_alpha   90.00
_cell.angle_beta   90.00
_cell.angle_gamma   90.00
#
_symmetry.space_group_name_H-M   'C 2 2 21'
#
loop_
_entity.id
_entity.type
_entity.pdbx_description
1 polymer 'PROTEIN (human beta2-Glycoprotein I)'
2 branched alpha-D-mannopyranose-(1-4)-2-acetamido-2-deoxy-beta-D-glucopyranose-(1-4)-2-acetamido-2-deoxy-beta-D-glucopyranose
3 branched 2-acetamido-2-deoxy-beta-D-glucopyranose-(1-4)-2-acetamido-2-deoxy-beta-D-glucopyranose
4 non-polymer 2-acetamido-2-deoxy-beta-D-glucopyranose
5 water water
#
_entity_poly.entity_id   1
_entity_poly.type   'polypeptide(L)'
_entity_poly.pdbx_seq_one_letter_code
;GRTCPKPDDLPFSTVVPLKTFYEPGEEITYSCKPGYVSRGGMRKFICPLTGLWPINTLKCTPRVCPFAGILENGAVRYTT
FEYPNTISFSCNTGFYLNGADSAKCTEEGKWSPELPVCAPIICPPPSIPTFATLRVYKPSAGNNSLYRDTAVFECLPQHA
MFGNDTITCTTHGNWTKLPECREVKCPFPSRPDNGFVNYPAKPTLYYKDKATFGCHDGYSLDGPEEIECTKLGNWSAMPS
CKASCKVPVKKATVVYQGERVKIQEKFKNGMLHGDKVSFFCKNKEKKCSYTEDAQCIDGTIEVPKCFKEHTDASDVKPC
;
_entity_poly.pdbx_strand_id   A
#
loop_
_chem_comp.id
_chem_comp.type
_chem_comp.name
_chem_comp.formula
MAN D-saccharide, alpha linking alpha-D-mannopyranose 'C6 H12 O6'
NAG D-saccharide, beta linking 2-acetamido-2-deoxy-beta-D-glucopyranose 'C8 H15 N O6'
#
# COMPACT_ATOMS: atom_id res chain seq x y z
N GLY A 1 58.52 -4.31 58.26
CA GLY A 1 57.14 -4.90 58.26
C GLY A 1 56.89 -6.30 58.86
N ARG A 2 55.68 -6.59 59.31
CA ARG A 2 55.40 -7.88 59.91
C ARG A 2 54.26 -8.61 59.23
N THR A 3 53.45 -7.93 58.43
CA THR A 3 52.38 -8.61 57.74
C THR A 3 52.03 -7.92 56.43
N CYS A 4 51.53 -8.66 55.45
CA CYS A 4 51.14 -7.94 54.22
C CYS A 4 49.71 -7.50 54.36
N PRO A 5 49.37 -6.36 53.79
CA PRO A 5 47.99 -5.91 53.88
C PRO A 5 47.12 -6.52 52.81
N LYS A 6 45.86 -6.10 52.76
CA LYS A 6 44.93 -6.58 51.80
C LYS A 6 45.50 -6.32 50.42
N PRO A 7 45.52 -7.35 49.55
CA PRO A 7 46.05 -7.28 48.20
C PRO A 7 45.16 -6.38 47.34
N ASP A 8 45.75 -5.75 46.34
CA ASP A 8 45.06 -4.82 45.46
C ASP A 8 44.07 -5.52 44.58
N ASP A 9 42.98 -4.81 44.31
CA ASP A 9 41.99 -5.36 43.43
C ASP A 9 42.33 -5.04 41.97
N LEU A 10 42.64 -6.02 41.15
CA LEU A 10 42.95 -5.73 39.77
C LEU A 10 41.69 -5.95 38.93
N PRO A 11 41.49 -5.12 37.91
CA PRO A 11 40.40 -5.10 36.95
C PRO A 11 39.44 -6.24 36.71
N PHE A 12 39.87 -7.41 36.27
CA PHE A 12 38.78 -8.39 36.08
C PHE A 12 39.24 -9.69 36.63
N SER A 13 39.61 -9.63 37.91
CA SER A 13 40.17 -10.80 38.51
C SER A 13 39.60 -11.05 39.89
N THR A 14 40.05 -12.10 40.54
CA THR A 14 39.64 -12.40 41.90
C THR A 14 40.92 -12.90 42.57
N VAL A 15 41.04 -12.75 43.86
CA VAL A 15 42.23 -13.21 44.53
C VAL A 15 41.77 -14.25 45.51
N VAL A 16 42.57 -15.27 45.73
CA VAL A 16 42.18 -16.30 46.68
C VAL A 16 43.36 -16.87 47.42
N PRO A 17 43.30 -16.94 48.77
CA PRO A 17 42.23 -16.56 49.75
C PRO A 17 42.30 -15.04 50.03
N LEU A 18 41.18 -14.35 49.95
CA LEU A 18 41.14 -12.89 50.18
C LEU A 18 40.96 -12.61 51.66
N LYS A 19 41.96 -11.96 52.22
CA LYS A 19 42.04 -11.65 53.63
C LYS A 19 42.45 -10.17 53.84
N THR A 20 42.31 -9.62 55.03
CA THR A 20 42.73 -8.22 55.18
C THR A 20 44.17 -8.13 55.57
N PHE A 21 44.76 -9.20 56.08
CA PHE A 21 46.21 -9.19 56.31
C PHE A 21 46.76 -10.62 56.29
N TYR A 22 48.01 -10.78 55.86
CA TYR A 22 48.69 -12.05 55.78
C TYR A 22 50.03 -12.20 56.56
N GLU A 23 50.30 -13.39 57.06
CA GLU A 23 51.58 -13.64 57.70
C GLU A 23 52.63 -13.90 56.61
N PRO A 24 53.87 -13.49 56.86
CA PRO A 24 54.89 -13.72 55.84
C PRO A 24 54.83 -15.22 55.56
N GLY A 25 54.91 -15.59 54.29
CA GLY A 25 54.84 -16.98 53.91
C GLY A 25 53.49 -17.50 53.42
N GLU A 26 52.43 -16.76 53.62
CA GLU A 26 51.15 -17.24 53.14
C GLU A 26 51.10 -16.93 51.70
N GLU A 27 50.28 -17.68 50.98
CA GLU A 27 50.19 -17.51 49.55
C GLU A 27 48.86 -17.04 49.05
N ILE A 28 48.84 -16.18 48.01
CA ILE A 28 47.55 -15.77 47.39
C ILE A 28 47.65 -16.08 45.91
N THR A 29 46.53 -16.17 45.22
CA THR A 29 46.52 -16.44 43.78
C THR A 29 45.57 -15.53 43.02
N TYR A 30 46.03 -14.77 42.02
CA TYR A 30 45.12 -13.94 41.22
C TYR A 30 44.64 -14.72 39.95
N SER A 31 43.37 -14.70 39.62
CA SER A 31 42.87 -15.38 38.39
C SER A 31 41.99 -14.40 37.68
N CYS A 32 41.89 -14.50 36.38
CA CYS A 32 41.00 -13.61 35.68
C CYS A 32 39.60 -14.14 35.85
N LYS A 33 38.60 -13.28 35.80
CA LYS A 33 37.21 -13.73 35.97
C LYS A 33 36.80 -14.53 34.75
N PRO A 34 35.81 -15.43 34.86
CA PRO A 34 35.44 -16.20 33.65
C PRO A 34 35.07 -15.21 32.52
N GLY A 35 35.63 -15.47 31.33
CA GLY A 35 35.35 -14.58 30.22
C GLY A 35 36.52 -13.64 29.92
N TYR A 36 37.45 -13.51 30.85
CA TYR A 36 38.58 -12.65 30.58
C TYR A 36 39.83 -13.50 30.45
N VAL A 37 40.91 -12.93 29.97
CA VAL A 37 42.13 -13.70 29.85
C VAL A 37 43.29 -12.77 30.07
N SER A 38 44.45 -13.30 30.43
CA SER A 38 45.57 -12.38 30.59
C SER A 38 46.87 -12.96 30.20
N ARG A 39 47.75 -12.11 29.66
CA ARG A 39 49.09 -12.59 29.29
C ARG A 39 49.86 -13.05 30.53
N GLY A 40 50.26 -14.33 30.52
CA GLY A 40 51.03 -14.88 31.61
C GLY A 40 50.31 -15.84 32.51
N GLY A 41 49.04 -16.15 32.20
CA GLY A 41 48.25 -17.07 33.00
C GLY A 41 47.87 -16.38 34.31
N MET A 42 47.67 -17.16 35.38
CA MET A 42 47.34 -16.60 36.70
C MET A 42 48.64 -16.32 37.46
N ARG A 43 48.59 -15.38 38.41
CA ARG A 43 49.79 -15.06 39.17
C ARG A 43 49.74 -15.38 40.66
N LYS A 44 50.71 -16.14 41.15
CA LYS A 44 50.77 -16.47 42.55
C LYS A 44 51.77 -15.60 43.31
N PHE A 45 51.52 -15.23 44.57
CA PHE A 45 52.52 -14.47 45.34
C PHE A 45 52.62 -14.97 46.77
N ILE A 46 53.81 -14.96 47.35
CA ILE A 46 53.95 -15.35 48.74
C ILE A 46 54.17 -14.03 49.52
N CYS A 47 53.46 -13.82 50.62
CA CYS A 47 53.67 -12.59 51.37
C CYS A 47 55.13 -12.58 51.87
N PRO A 48 55.89 -11.56 51.52
CA PRO A 48 57.27 -11.63 52.03
C PRO A 48 57.47 -11.04 53.44
N LEU A 49 58.63 -11.29 54.01
CA LEU A 49 58.98 -10.82 55.34
C LEU A 49 58.89 -9.32 55.52
N THR A 50 59.07 -8.58 54.44
CA THR A 50 58.99 -7.12 54.51
C THR A 50 57.54 -6.63 54.61
N GLY A 51 56.58 -7.46 54.31
CA GLY A 51 55.20 -7.02 54.38
C GLY A 51 54.71 -6.19 53.19
N LEU A 52 55.47 -6.21 52.09
CA LEU A 52 55.12 -5.54 50.84
C LEU A 52 54.87 -6.53 49.72
N TRP A 53 53.63 -6.54 49.21
CA TRP A 53 53.27 -7.38 48.07
C TRP A 53 54.13 -6.87 46.91
N PRO A 54 54.62 -7.77 46.06
CA PRO A 54 55.46 -7.35 44.94
C PRO A 54 54.64 -6.78 43.83
N ILE A 55 55.32 -6.38 42.75
CA ILE A 55 54.69 -5.78 41.55
C ILE A 55 53.78 -6.79 40.80
N ASN A 56 52.55 -6.39 40.49
CA ASN A 56 51.66 -7.35 39.80
C ASN A 56 51.45 -6.96 38.37
N THR A 57 51.91 -7.83 37.47
CA THR A 57 51.76 -7.52 36.08
C THR A 57 50.54 -8.12 35.42
N LEU A 58 49.68 -8.79 36.17
CA LEU A 58 48.47 -9.39 35.62
C LEU A 58 47.63 -8.32 34.92
N LYS A 59 47.20 -8.61 33.71
CA LYS A 59 46.41 -7.64 32.97
C LYS A 59 45.30 -8.45 32.30
N CYS A 60 44.06 -8.38 32.82
CA CYS A 60 42.97 -9.19 32.28
C CYS A 60 42.11 -8.47 31.23
N THR A 61 41.94 -9.14 30.11
CA THR A 61 41.14 -8.57 29.02
C THR A 61 40.16 -9.60 28.54
N PRO A 62 39.05 -9.12 27.99
CA PRO A 62 38.00 -10.03 27.51
C PRO A 62 38.34 -10.91 26.33
N ARG A 63 37.93 -12.18 26.40
CA ARG A 63 38.12 -13.10 25.29
C ARG A 63 37.46 -12.49 24.06
N VAL A 64 38.04 -12.76 22.89
CA VAL A 64 37.43 -12.20 21.71
C VAL A 64 36.86 -13.32 20.89
N CYS A 65 35.59 -13.14 20.46
CA CYS A 65 34.90 -14.14 19.65
C CYS A 65 35.35 -13.96 18.23
N PRO A 66 35.18 -14.99 17.39
CA PRO A 66 35.64 -14.86 15.98
C PRO A 66 34.84 -13.74 15.25
N PHE A 67 35.51 -13.03 14.33
CA PHE A 67 34.94 -11.95 13.56
C PHE A 67 33.54 -12.25 13.02
N ALA A 68 32.58 -11.40 13.31
CA ALA A 68 31.25 -11.75 12.83
C ALA A 68 30.55 -10.51 12.29
N GLY A 69 31.31 -9.64 11.59
CA GLY A 69 30.75 -8.41 11.06
C GLY A 69 30.08 -8.44 9.72
N ILE A 70 30.18 -9.54 9.01
CA ILE A 70 29.62 -9.65 7.70
C ILE A 70 28.58 -10.75 7.62
N LEU A 71 27.33 -10.36 7.33
CA LEU A 71 26.24 -11.32 7.15
C LEU A 71 25.83 -11.18 5.67
N GLU A 72 26.16 -12.16 4.84
CA GLU A 72 25.77 -12.08 3.44
C GLU A 72 24.28 -11.80 3.27
N ASN A 73 23.96 -10.76 2.52
CA ASN A 73 22.59 -10.27 2.29
C ASN A 73 21.87 -9.71 3.46
N GLY A 74 22.66 -9.24 4.42
CA GLY A 74 22.04 -8.66 5.58
C GLY A 74 22.94 -7.74 6.34
N ALA A 75 22.53 -7.38 7.53
CA ALA A 75 23.35 -6.49 8.27
C ALA A 75 23.57 -7.00 9.70
N VAL A 76 24.74 -6.78 10.27
CA VAL A 76 24.99 -7.19 11.65
C VAL A 76 25.15 -5.92 12.48
N ARG A 77 24.53 -5.84 13.65
CA ARG A 77 24.66 -4.67 14.53
C ARG A 77 25.62 -5.07 15.66
N TYR A 78 26.69 -4.31 15.86
CA TYR A 78 27.68 -4.65 16.90
C TYR A 78 28.60 -3.53 17.31
N THR A 79 29.26 -3.70 18.44
CA THR A 79 30.23 -2.73 18.92
C THR A 79 31.57 -3.44 18.82
N THR A 80 31.80 -4.49 19.62
CA THR A 80 33.03 -5.26 19.52
C THR A 80 32.68 -6.74 19.62
N PHE A 81 33.57 -7.62 19.25
CA PHE A 81 33.23 -9.00 19.34
C PHE A 81 33.87 -9.59 20.60
N GLU A 82 33.69 -8.94 21.74
CA GLU A 82 34.28 -9.40 22.97
C GLU A 82 33.28 -9.93 23.99
N TYR A 83 33.75 -10.80 24.89
CA TYR A 83 32.91 -11.26 25.96
C TYR A 83 32.63 -9.97 26.74
N PRO A 84 31.40 -9.76 27.16
CA PRO A 84 30.21 -10.58 27.02
C PRO A 84 29.21 -9.91 26.10
N ASN A 85 29.66 -9.30 25.02
CA ASN A 85 28.75 -8.59 24.13
C ASN A 85 27.78 -9.43 23.29
N THR A 86 26.75 -8.76 22.84
CA THR A 86 25.71 -9.34 22.01
C THR A 86 25.75 -8.74 20.63
N ILE A 87 25.49 -9.51 19.60
CA ILE A 87 25.42 -8.92 18.30
C ILE A 87 24.04 -9.27 17.73
N SER A 88 23.43 -8.39 16.94
CA SER A 88 22.10 -8.77 16.37
C SER A 88 22.15 -8.75 14.86
N PHE A 89 21.26 -9.52 14.24
CA PHE A 89 21.23 -9.69 12.78
C PHE A 89 19.92 -9.36 12.11
N SER A 90 19.97 -9.02 10.84
CA SER A 90 18.73 -8.79 10.08
C SER A 90 18.99 -8.94 8.58
N CYS A 91 17.97 -9.21 7.79
CA CYS A 91 18.29 -9.43 6.39
C CYS A 91 17.83 -8.38 5.42
N ASN A 92 18.46 -8.31 4.26
CA ASN A 92 17.99 -7.34 3.29
C ASN A 92 16.62 -7.71 2.70
N THR A 93 15.95 -6.75 2.08
CA THR A 93 14.67 -7.01 1.47
C THR A 93 14.80 -8.21 0.55
N GLY A 94 13.86 -9.15 0.66
CA GLY A 94 13.91 -10.33 -0.18
C GLY A 94 14.43 -11.58 0.52
N PHE A 95 15.21 -11.39 1.60
CA PHE A 95 15.73 -12.52 2.33
C PHE A 95 15.16 -12.65 3.71
N TYR A 96 15.29 -13.83 4.30
CA TYR A 96 14.81 -14.10 5.64
C TYR A 96 16.00 -14.67 6.44
N LEU A 97 15.95 -14.47 7.74
CA LEU A 97 17.01 -14.88 8.63
C LEU A 97 16.90 -16.36 8.96
N ASN A 98 17.81 -17.17 8.49
CA ASN A 98 17.70 -18.55 8.82
C ASN A 98 18.57 -18.81 10.05
N GLY A 99 17.95 -18.69 11.23
CA GLY A 99 18.66 -18.82 12.49
C GLY A 99 18.24 -17.77 13.51
N ALA A 100 18.92 -17.65 14.64
CA ALA A 100 18.56 -16.68 15.68
C ALA A 100 18.96 -15.30 15.28
N ASP A 101 18.21 -14.32 15.72
CA ASP A 101 18.53 -12.98 15.31
C ASP A 101 19.37 -12.23 16.27
N SER A 102 20.01 -12.97 17.17
CA SER A 102 20.88 -12.32 18.13
C SER A 102 21.81 -13.38 18.64
N ALA A 103 23.00 -12.99 19.06
CA ALA A 103 23.97 -13.97 19.57
C ALA A 103 24.87 -13.30 20.59
N LYS A 104 25.34 -14.06 21.58
CA LYS A 104 26.19 -13.47 22.60
C LYS A 104 27.52 -14.13 22.58
N CYS A 105 28.55 -13.36 22.92
CA CYS A 105 29.92 -13.92 22.97
C CYS A 105 30.05 -14.52 24.40
N THR A 106 30.28 -15.80 24.50
CA THR A 106 30.32 -16.47 25.81
C THR A 106 31.63 -16.51 26.56
N GLU A 107 31.53 -16.89 27.83
CA GLU A 107 32.72 -17.05 28.69
C GLU A 107 33.73 -17.91 27.92
N GLU A 108 33.24 -18.82 27.09
CA GLU A 108 34.17 -19.65 26.38
C GLU A 108 34.74 -19.04 25.13
N GLY A 109 34.17 -17.92 24.67
CA GLY A 109 34.66 -17.30 23.43
C GLY A 109 34.11 -17.92 22.14
N LYS A 110 32.85 -18.34 22.22
CA LYS A 110 32.14 -18.97 21.11
C LYS A 110 30.87 -18.17 20.96
N TRP A 111 30.25 -18.18 19.79
CA TRP A 111 29.01 -17.41 19.68
C TRP A 111 27.84 -18.28 20.10
N SER A 112 26.91 -17.75 20.87
CA SER A 112 25.77 -18.57 21.22
C SER A 112 24.49 -17.76 21.14
N PRO A 113 23.50 -18.20 20.36
CA PRO A 113 23.50 -19.42 19.55
C PRO A 113 24.45 -19.35 18.38
N GLU A 114 24.47 -20.31 17.47
CA GLU A 114 25.40 -20.17 16.36
C GLU A 114 24.90 -19.08 15.42
N LEU A 115 25.84 -18.43 14.72
CA LEU A 115 25.49 -17.38 13.79
C LEU A 115 24.55 -17.89 12.64
N PRO A 116 23.58 -17.06 12.25
CA PRO A 116 22.61 -17.35 11.19
C PRO A 116 23.11 -17.02 9.78
N VAL A 117 22.28 -17.31 8.78
CA VAL A 117 22.63 -16.92 7.39
C VAL A 117 21.36 -16.36 6.76
N CYS A 118 21.50 -15.51 5.76
CA CYS A 118 20.28 -15.00 5.16
C CYS A 118 19.94 -15.89 3.97
N ALA A 119 18.68 -16.01 3.65
CA ALA A 119 18.34 -16.83 2.51
C ALA A 119 17.12 -16.21 1.79
N PRO A 120 17.03 -16.41 0.49
CA PRO A 120 15.94 -15.87 -0.33
C PRO A 120 14.56 -16.36 0.01
N ILE A 121 13.61 -15.44 0.14
CA ILE A 121 12.22 -15.77 0.42
C ILE A 121 11.59 -16.33 -0.86
N ILE A 122 10.94 -17.48 -0.81
CA ILE A 122 10.36 -17.97 -2.05
C ILE A 122 8.95 -18.49 -1.89
N CYS A 123 8.20 -18.61 -2.98
CA CYS A 123 6.84 -19.12 -2.90
C CYS A 123 6.72 -20.16 -3.94
N PRO A 124 5.98 -21.23 -3.64
CA PRO A 124 5.85 -22.25 -4.68
C PRO A 124 4.85 -21.68 -5.76
N PRO A 125 4.68 -22.38 -6.90
CA PRO A 125 3.75 -21.91 -7.95
C PRO A 125 2.37 -21.72 -7.38
N PRO A 126 1.66 -20.64 -7.77
CA PRO A 126 0.30 -20.41 -7.24
C PRO A 126 -0.68 -21.41 -7.84
N SER A 127 -1.77 -21.61 -7.13
CA SER A 127 -2.76 -22.52 -7.62
C SER A 127 -3.78 -21.63 -8.38
N ILE A 128 -4.36 -22.16 -9.45
CA ILE A 128 -5.31 -21.43 -10.28
C ILE A 128 -6.74 -21.55 -9.81
N PRO A 129 -7.42 -20.42 -9.49
CA PRO A 129 -8.81 -20.49 -9.02
C PRO A 129 -9.78 -21.22 -9.95
N THR A 130 -10.87 -21.72 -9.41
CA THR A 130 -11.81 -22.54 -10.18
C THR A 130 -12.20 -22.21 -11.62
N PHE A 131 -12.77 -21.04 -11.91
CA PHE A 131 -13.10 -20.83 -13.33
C PHE A 131 -12.17 -19.79 -13.93
N ALA A 132 -10.87 -19.94 -13.73
CA ALA A 132 -9.98 -18.93 -14.22
C ALA A 132 -8.84 -19.47 -15.01
N THR A 133 -8.02 -18.57 -15.51
CA THR A 133 -6.84 -18.99 -16.23
C THR A 133 -5.73 -18.08 -15.73
N LEU A 134 -4.50 -18.55 -15.83
CA LEU A 134 -3.37 -17.80 -15.35
C LEU A 134 -2.82 -17.05 -16.53
N ARG A 135 -3.02 -15.73 -16.55
CA ARG A 135 -2.53 -14.91 -17.66
C ARG A 135 -1.03 -14.62 -17.57
N VAL A 136 -0.69 -13.74 -16.61
CA VAL A 136 0.69 -13.33 -16.34
C VAL A 136 1.31 -14.16 -15.20
N TYR A 137 2.25 -15.04 -15.57
CA TYR A 137 3.02 -15.88 -14.61
C TYR A 137 4.30 -16.52 -15.15
N LYS A 138 5.43 -16.25 -14.49
CA LYS A 138 6.73 -16.83 -14.87
C LYS A 138 7.67 -16.97 -13.65
N PRO A 139 8.11 -18.20 -13.34
CA PRO A 139 8.99 -18.53 -12.23
C PRO A 139 10.26 -17.74 -12.33
N SER A 140 10.86 -17.39 -11.21
CA SER A 140 12.07 -16.60 -11.23
C SER A 140 13.13 -17.14 -10.27
N ALA A 141 13.03 -18.42 -9.92
CA ALA A 141 13.95 -19.09 -9.00
C ALA A 141 13.54 -20.55 -9.04
N GLY A 142 14.11 -21.27 -10.01
CA GLY A 142 13.72 -22.66 -10.15
C GLY A 142 12.25 -22.64 -10.54
N ASN A 143 11.46 -23.54 -10.00
CA ASN A 143 10.07 -23.55 -10.32
C ASN A 143 9.29 -22.63 -9.42
N ASN A 144 9.99 -21.81 -8.62
CA ASN A 144 9.28 -20.97 -7.66
C ASN A 144 9.39 -19.48 -7.87
N SER A 145 8.68 -18.69 -7.10
CA SER A 145 8.71 -17.28 -7.30
C SER A 145 9.44 -16.59 -6.17
N LEU A 146 9.91 -15.35 -6.39
CA LEU A 146 10.58 -14.60 -5.36
C LEU A 146 9.66 -13.68 -4.65
N TYR A 147 10.15 -13.05 -3.61
CA TYR A 147 9.32 -12.17 -2.81
C TYR A 147 8.83 -10.98 -3.61
N ARG A 148 7.54 -10.67 -3.50
CA ARG A 148 6.97 -9.52 -4.23
C ARG A 148 6.65 -9.75 -5.70
N ASP A 149 7.05 -10.92 -6.21
CA ASP A 149 6.68 -11.33 -7.56
C ASP A 149 5.16 -11.33 -7.59
N THR A 150 4.62 -11.43 -8.82
CA THR A 150 3.16 -11.40 -9.00
C THR A 150 2.66 -12.33 -10.08
N ALA A 151 1.39 -12.65 -9.95
CA ALA A 151 0.76 -13.52 -10.94
C ALA A 151 -0.60 -12.87 -11.19
N VAL A 152 -1.09 -12.96 -12.44
CA VAL A 152 -2.37 -12.32 -12.72
C VAL A 152 -3.40 -13.26 -13.29
N PHE A 153 -4.58 -13.23 -12.70
CA PHE A 153 -5.66 -14.10 -13.15
C PHE A 153 -6.66 -13.39 -14.06
N GLU A 154 -7.29 -14.16 -14.92
CA GLU A 154 -8.27 -13.67 -15.87
C GLU A 154 -9.41 -14.70 -15.87
N CYS A 155 -10.64 -14.26 -15.60
CA CYS A 155 -11.77 -15.20 -15.61
C CYS A 155 -12.13 -15.77 -16.99
N LEU A 156 -12.89 -16.86 -17.00
CA LEU A 156 -13.34 -17.46 -18.27
C LEU A 156 -14.54 -16.64 -18.78
N PRO A 157 -14.68 -16.53 -20.13
CA PRO A 157 -15.78 -15.79 -20.73
C PRO A 157 -17.11 -16.01 -19.98
N GLN A 158 -17.87 -14.94 -19.76
CA GLN A 158 -19.14 -15.05 -19.05
C GLN A 158 -19.05 -15.13 -17.54
N HIS A 159 -17.83 -15.08 -17.02
CA HIS A 159 -17.65 -15.12 -15.56
C HIS A 159 -17.05 -13.83 -15.03
N ALA A 160 -17.56 -13.40 -13.89
CA ALA A 160 -17.08 -12.19 -13.25
C ALA A 160 -16.07 -12.55 -12.17
N MET A 161 -15.06 -11.71 -11.98
CA MET A 161 -14.10 -11.98 -10.97
C MET A 161 -14.45 -11.20 -9.71
N PHE A 162 -14.26 -11.82 -8.54
CA PHE A 162 -14.51 -11.16 -7.26
C PHE A 162 -13.22 -11.22 -6.46
N GLY A 163 -12.70 -10.05 -6.13
CA GLY A 163 -11.44 -9.92 -5.40
C GLY A 163 -10.34 -9.59 -6.40
N ASN A 164 -9.27 -8.91 -5.96
CA ASN A 164 -8.19 -8.52 -6.87
C ASN A 164 -7.75 -9.64 -7.86
N ASP A 165 -7.33 -9.26 -9.05
CA ASP A 165 -6.98 -10.27 -10.01
C ASP A 165 -5.50 -10.54 -9.97
N THR A 166 -4.85 -9.83 -9.07
CA THR A 166 -3.41 -9.93 -8.91
C THR A 166 -2.94 -10.41 -7.53
N ILE A 167 -2.06 -11.40 -7.54
CA ILE A 167 -1.52 -11.93 -6.29
C ILE A 167 -0.05 -11.70 -6.17
N THR A 168 0.39 -11.54 -4.94
CA THR A 168 1.81 -11.33 -4.69
C THR A 168 2.40 -12.37 -3.76
N CYS A 169 3.64 -12.75 -4.03
CA CYS A 169 4.39 -13.70 -3.19
C CYS A 169 4.78 -12.93 -1.94
N THR A 170 4.31 -13.37 -0.78
CA THR A 170 4.57 -12.70 0.50
C THR A 170 5.74 -13.32 1.24
N THR A 171 6.11 -12.74 2.37
CA THR A 171 7.22 -13.26 3.15
C THR A 171 6.87 -14.57 3.84
N HIS A 172 5.62 -14.84 4.15
CA HIS A 172 5.31 -16.10 4.79
C HIS A 172 5.42 -17.24 3.77
N GLY A 173 5.91 -16.94 2.56
CA GLY A 173 6.05 -17.98 1.56
C GLY A 173 4.77 -18.44 0.89
N ASN A 174 3.66 -17.76 1.11
CA ASN A 174 2.44 -18.11 0.41
C ASN A 174 2.01 -16.87 -0.37
N TRP A 175 1.02 -17.02 -1.26
CA TRP A 175 0.53 -15.86 -2.03
C TRP A 175 -0.63 -15.16 -1.30
N THR A 176 -0.91 -13.92 -1.67
CA THR A 176 -2.01 -13.16 -1.05
C THR A 176 -3.29 -13.76 -1.53
N LYS A 177 -4.40 -13.41 -0.86
CA LYS A 177 -5.71 -13.97 -1.17
C LYS A 177 -6.04 -14.17 -2.66
N LEU A 178 -6.52 -15.35 -3.05
CA LEU A 178 -6.90 -15.56 -4.44
C LEU A 178 -8.28 -14.96 -4.79
N PRO A 179 -8.54 -14.72 -6.08
CA PRO A 179 -9.86 -14.17 -6.42
C PRO A 179 -10.80 -15.33 -6.80
N GLU A 180 -12.11 -15.12 -6.85
CA GLU A 180 -13.00 -16.19 -7.34
C GLU A 180 -13.68 -15.78 -8.64
N CYS A 181 -14.05 -16.75 -9.45
CA CYS A 181 -14.70 -16.53 -10.72
C CYS A 181 -16.05 -17.24 -10.82
N ARG A 182 -17.15 -16.51 -10.59
CA ARG A 182 -18.53 -17.05 -10.71
C ARG A 182 -19.18 -16.57 -12.03
N GLU A 183 -20.07 -17.38 -12.60
CA GLU A 183 -20.78 -17.00 -13.84
C GLU A 183 -21.93 -16.07 -13.42
N VAL A 184 -22.15 -14.99 -14.19
CA VAL A 184 -23.24 -14.07 -13.89
C VAL A 184 -24.16 -13.81 -15.09
N LYS A 185 -25.44 -13.66 -14.78
CA LYS A 185 -26.45 -13.46 -15.82
C LYS A 185 -27.31 -12.21 -15.65
N CYS A 186 -27.66 -11.60 -16.78
CA CYS A 186 -28.56 -10.44 -16.77
C CYS A 186 -29.84 -10.65 -17.58
N PRO A 187 -30.95 -10.10 -17.04
CA PRO A 187 -32.22 -10.23 -17.76
C PRO A 187 -32.08 -9.37 -19.02
N PHE A 188 -32.92 -9.64 -20.03
CA PHE A 188 -32.88 -8.83 -21.25
C PHE A 188 -33.24 -7.37 -20.91
N PRO A 189 -32.62 -6.40 -21.59
CA PRO A 189 -32.94 -5.01 -21.25
C PRO A 189 -34.28 -4.55 -21.92
N SER A 190 -35.00 -3.68 -21.24
CA SER A 190 -36.29 -3.22 -21.76
C SER A 190 -36.17 -2.09 -22.76
N ARG A 191 -36.93 -2.20 -23.87
CA ARG A 191 -36.99 -1.18 -24.94
C ARG A 191 -37.58 0.11 -24.37
N PRO A 192 -36.89 1.23 -24.55
CA PRO A 192 -37.47 2.46 -23.98
C PRO A 192 -38.62 3.08 -24.84
N ASP A 193 -39.60 3.75 -24.22
CA ASP A 193 -40.66 4.40 -25.04
C ASP A 193 -40.01 5.44 -25.97
N ASN A 194 -40.49 5.56 -27.19
CA ASN A 194 -39.93 6.52 -28.12
C ASN A 194 -38.52 6.20 -28.51
N GLY A 195 -38.12 4.96 -28.31
CA GLY A 195 -36.77 4.57 -28.66
C GLY A 195 -36.67 3.11 -29.00
N PHE A 196 -35.43 2.65 -29.11
CA PHE A 196 -35.18 1.27 -29.45
C PHE A 196 -33.93 0.83 -28.68
N VAL A 197 -33.77 -0.50 -28.57
CA VAL A 197 -32.61 -1.08 -27.91
C VAL A 197 -32.07 -2.26 -28.69
N ASN A 198 -30.75 -2.38 -28.72
CA ASN A 198 -30.10 -3.49 -29.42
C ASN A 198 -29.18 -4.29 -28.50
N TYR A 199 -29.23 -5.62 -28.65
CA TYR A 199 -28.39 -6.50 -27.86
C TYR A 199 -28.23 -7.85 -28.52
N PRO A 200 -27.04 -8.46 -28.41
CA PRO A 200 -26.78 -9.78 -29.01
C PRO A 200 -27.97 -10.76 -29.04
N ALA A 201 -28.04 -11.48 -30.16
CA ALA A 201 -29.07 -12.48 -30.45
C ALA A 201 -28.94 -13.80 -29.67
N LYS A 202 -28.62 -13.75 -28.39
CA LYS A 202 -28.46 -14.96 -27.59
C LYS A 202 -29.75 -15.12 -26.81
N PRO A 203 -30.01 -16.35 -26.35
CA PRO A 203 -31.19 -16.70 -25.56
C PRO A 203 -30.95 -16.29 -24.13
N THR A 204 -29.68 -16.04 -23.86
CA THR A 204 -29.27 -15.63 -22.53
C THR A 204 -28.04 -14.67 -22.54
N LEU A 205 -28.14 -13.62 -21.73
CA LEU A 205 -27.10 -12.61 -21.64
C LEU A 205 -26.27 -12.69 -20.35
N TYR A 206 -24.95 -12.67 -20.53
CA TYR A 206 -24.02 -12.76 -19.38
C TYR A 206 -23.22 -11.49 -19.11
N TYR A 207 -22.41 -11.57 -18.06
CA TYR A 207 -21.51 -10.51 -17.60
C TYR A 207 -20.72 -9.95 -18.77
N LYS A 208 -20.61 -8.62 -18.80
CA LYS A 208 -19.88 -7.92 -19.84
C LYS A 208 -20.55 -7.79 -21.20
N ASP A 209 -21.66 -8.50 -21.39
CA ASP A 209 -22.38 -8.36 -22.66
C ASP A 209 -22.92 -6.91 -22.68
N LYS A 210 -23.02 -6.34 -23.87
CA LYS A 210 -23.49 -4.95 -24.02
C LYS A 210 -24.78 -4.71 -24.82
N ALA A 211 -25.48 -3.66 -24.44
CA ALA A 211 -26.73 -3.28 -25.11
C ALA A 211 -26.60 -1.81 -25.44
N THR A 212 -27.11 -1.36 -26.57
CA THR A 212 -27.03 0.08 -26.89
C THR A 212 -28.42 0.61 -27.18
N PHE A 213 -28.71 1.80 -26.68
CA PHE A 213 -30.00 2.44 -26.86
C PHE A 213 -29.99 3.56 -27.91
N GLY A 214 -31.18 3.87 -28.43
CA GLY A 214 -31.39 4.93 -29.43
C GLY A 214 -32.77 5.58 -29.31
N CYS A 215 -32.89 6.82 -29.77
CA CYS A 215 -34.22 7.41 -29.71
C CYS A 215 -34.72 7.83 -31.08
N HIS A 216 -36.03 7.92 -31.18
CA HIS A 216 -36.70 8.38 -32.37
C HIS A 216 -36.49 9.95 -32.42
N ASP A 217 -36.47 10.54 -33.61
CA ASP A 217 -36.32 11.99 -33.72
C ASP A 217 -37.28 12.69 -32.77
N GLY A 218 -36.79 13.73 -32.14
CA GLY A 218 -37.62 14.47 -31.21
C GLY A 218 -37.32 14.06 -29.79
N TYR A 219 -36.54 13.00 -29.63
CA TYR A 219 -36.21 12.53 -28.28
C TYR A 219 -34.72 12.25 -28.12
N SER A 220 -34.24 12.18 -26.89
CA SER A 220 -32.82 11.85 -26.68
C SER A 220 -32.68 11.09 -25.38
N LEU A 221 -31.63 10.28 -25.26
CA LEU A 221 -31.39 9.48 -24.05
C LEU A 221 -31.07 10.37 -22.87
N ASP A 222 -31.58 10.01 -21.70
CA ASP A 222 -31.27 10.79 -20.51
C ASP A 222 -30.23 9.98 -19.71
N GLY A 223 -29.47 9.14 -20.42
CA GLY A 223 -28.45 8.31 -19.84
C GLY A 223 -27.44 7.93 -20.90
N PRO A 224 -26.51 7.01 -20.61
CA PRO A 224 -25.48 6.56 -21.54
C PRO A 224 -26.05 5.72 -22.69
N GLU A 225 -25.45 5.84 -23.86
CA GLU A 225 -25.90 5.12 -25.02
C GLU A 225 -25.69 3.65 -24.90
N GLU A 226 -24.58 3.27 -24.29
CA GLU A 226 -24.22 1.85 -24.11
C GLU A 226 -24.23 1.40 -22.65
N ILE A 227 -24.72 0.20 -22.43
CA ILE A 227 -24.79 -0.33 -21.08
C ILE A 227 -24.23 -1.74 -20.99
N GLU A 228 -23.72 -2.08 -19.81
CA GLU A 228 -23.11 -3.39 -19.57
C GLU A 228 -23.77 -4.20 -18.51
N CYS A 229 -23.69 -5.49 -18.72
CA CYS A 229 -24.18 -6.45 -17.75
C CYS A 229 -23.10 -6.49 -16.64
N THR A 230 -23.40 -6.00 -15.43
CA THR A 230 -22.42 -6.00 -14.33
C THR A 230 -22.29 -7.30 -13.53
N LYS A 231 -21.23 -7.37 -12.73
CA LYS A 231 -20.95 -8.57 -11.93
C LYS A 231 -22.07 -8.91 -10.94
N LEU A 232 -22.85 -7.90 -10.52
CA LEU A 232 -23.96 -8.16 -9.60
C LEU A 232 -25.27 -8.58 -10.30
N GLY A 233 -25.20 -9.01 -11.55
CA GLY A 233 -26.41 -9.46 -12.26
C GLY A 233 -27.47 -8.47 -12.78
N ASN A 234 -27.18 -7.17 -12.69
CA ASN A 234 -28.08 -6.13 -13.17
C ASN A 234 -27.30 -5.28 -14.21
N TRP A 235 -27.94 -4.31 -14.87
CA TRP A 235 -27.20 -3.53 -15.86
C TRP A 235 -26.59 -2.28 -15.26
N SER A 236 -25.55 -1.76 -15.90
CA SER A 236 -24.89 -0.56 -15.40
C SER A 236 -25.83 0.63 -15.34
N ALA A 237 -26.83 0.65 -16.24
CA ALA A 237 -27.84 1.73 -16.26
C ALA A 237 -28.98 1.33 -17.19
N MET A 238 -30.10 2.04 -17.09
CA MET A 238 -31.27 1.80 -17.97
C MET A 238 -31.78 3.17 -18.41
N PRO A 239 -31.13 3.76 -19.42
CA PRO A 239 -31.55 5.09 -19.88
C PRO A 239 -32.94 5.05 -20.54
N SER A 240 -33.64 6.16 -20.54
CA SER A 240 -34.91 6.18 -21.25
C SER A 240 -34.93 7.40 -22.25
N CYS A 241 -35.89 7.43 -23.19
CA CYS A 241 -35.94 8.52 -24.17
C CYS A 241 -36.84 9.68 -23.72
N LYS A 242 -36.25 10.85 -23.52
CA LYS A 242 -36.97 12.01 -23.07
C LYS A 242 -37.22 13.01 -24.21
N ALA A 243 -38.37 13.65 -24.14
CA ALA A 243 -38.81 14.60 -25.17
C ALA A 243 -37.98 15.85 -25.26
N SER A 244 -37.76 16.35 -26.47
CA SER A 244 -37.03 17.58 -26.67
C SER A 244 -38.00 18.74 -26.54
N CYS A 245 -37.53 19.98 -26.46
CA CYS A 245 -38.40 21.15 -26.31
C CYS A 245 -38.24 22.02 -27.52
N LYS A 246 -39.33 22.62 -27.98
CA LYS A 246 -39.26 23.59 -29.08
C LYS A 246 -38.63 24.81 -28.39
N VAL A 247 -37.91 25.64 -29.13
CA VAL A 247 -37.31 26.82 -28.52
C VAL A 247 -38.55 27.60 -28.09
N PRO A 248 -38.56 28.10 -26.85
CA PRO A 248 -39.68 28.86 -26.30
C PRO A 248 -39.89 30.27 -26.73
N VAL A 249 -38.90 30.91 -27.34
CA VAL A 249 -39.10 32.28 -27.80
C VAL A 249 -38.58 32.34 -29.21
N LYS A 250 -38.83 33.43 -29.94
CA LYS A 250 -38.37 33.54 -31.33
C LYS A 250 -36.95 34.10 -31.43
N LYS A 251 -36.65 35.04 -30.55
CA LYS A 251 -35.33 35.66 -30.59
C LYS A 251 -34.93 35.99 -29.16
N ALA A 252 -33.71 35.65 -28.79
CA ALA A 252 -33.20 35.96 -27.46
C ALA A 252 -31.76 35.54 -27.27
N THR A 253 -31.01 36.32 -26.50
CA THR A 253 -29.63 35.97 -26.21
C THR A 253 -29.71 35.35 -24.82
N VAL A 254 -29.11 34.20 -24.66
CA VAL A 254 -29.19 33.52 -23.39
C VAL A 254 -27.81 33.06 -23.04
N VAL A 255 -27.65 32.63 -21.80
CA VAL A 255 -26.37 32.12 -21.34
C VAL A 255 -26.49 30.62 -21.42
N TYR A 256 -25.57 29.99 -22.13
CA TYR A 256 -25.60 28.57 -22.25
C TYR A 256 -24.21 28.04 -21.98
N GLN A 257 -24.07 27.39 -20.83
CA GLN A 257 -22.79 26.85 -20.44
C GLN A 257 -21.83 28.00 -20.25
N GLY A 258 -22.24 28.94 -19.38
CA GLY A 258 -21.44 30.13 -19.03
C GLY A 258 -20.94 30.96 -20.20
N GLU A 259 -21.71 30.96 -21.28
CA GLU A 259 -21.33 31.69 -22.48
C GLU A 259 -22.55 32.21 -23.26
N ARG A 260 -22.53 33.45 -23.71
CA ARG A 260 -23.68 33.99 -24.45
C ARG A 260 -23.83 33.30 -25.79
N VAL A 261 -25.08 33.02 -26.18
CA VAL A 261 -25.39 32.40 -27.46
C VAL A 261 -26.74 32.95 -27.92
N LYS A 262 -27.05 32.92 -29.20
CA LYS A 262 -28.39 33.37 -29.60
C LYS A 262 -29.19 32.04 -29.57
N ILE A 263 -30.23 32.01 -28.71
CA ILE A 263 -31.00 30.80 -28.50
C ILE A 263 -31.53 30.20 -29.78
N GLN A 264 -32.03 31.03 -30.69
CA GLN A 264 -32.59 30.52 -31.92
C GLN A 264 -31.53 30.04 -32.88
N GLU A 265 -30.25 30.12 -32.49
CA GLU A 265 -29.16 29.66 -33.35
C GLU A 265 -28.62 28.39 -32.77
N LYS A 266 -28.20 28.49 -31.50
CA LYS A 266 -27.62 27.37 -30.80
C LYS A 266 -28.56 26.21 -30.76
N PHE A 267 -29.87 26.49 -30.69
CA PHE A 267 -30.88 25.44 -30.65
C PHE A 267 -31.83 25.39 -31.89
N LYS A 268 -31.25 25.56 -33.08
CA LYS A 268 -31.96 25.51 -34.35
C LYS A 268 -32.85 24.30 -34.36
N ASN A 269 -32.31 23.16 -33.95
CA ASN A 269 -33.13 21.97 -33.95
C ASN A 269 -33.80 21.54 -32.67
N GLY A 270 -34.13 22.49 -31.80
CA GLY A 270 -34.78 22.13 -30.57
C GLY A 270 -33.75 22.04 -29.45
N MET A 271 -34.25 21.96 -28.23
CA MET A 271 -33.41 21.85 -27.06
C MET A 271 -33.59 20.42 -26.56
N LEU A 272 -32.49 19.77 -26.20
CA LEU A 272 -32.56 18.39 -25.72
C LEU A 272 -32.98 18.35 -24.26
N HIS A 273 -33.58 17.22 -23.85
CA HIS A 273 -33.98 17.08 -22.42
C HIS A 273 -32.69 17.33 -21.59
N GLY A 274 -32.77 18.14 -20.55
CA GLY A 274 -31.55 18.40 -19.82
C GLY A 274 -30.97 19.78 -20.11
N ASP A 275 -30.87 20.20 -21.39
CA ASP A 275 -30.33 21.52 -21.72
C ASP A 275 -30.83 22.66 -20.81
N LYS A 276 -29.88 23.45 -20.30
CA LYS A 276 -30.20 24.53 -19.38
C LYS A 276 -29.71 25.86 -19.94
N VAL A 277 -30.48 26.92 -19.82
CA VAL A 277 -30.00 28.18 -20.35
C VAL A 277 -30.39 29.23 -19.34
N SER A 278 -29.90 30.45 -19.53
CA SER A 278 -30.23 31.51 -18.58
C SER A 278 -30.73 32.72 -19.34
N PHE A 279 -31.98 33.14 -19.09
CA PHE A 279 -32.50 34.29 -19.80
C PHE A 279 -32.07 35.58 -19.11
N PHE A 280 -32.13 36.71 -19.80
CA PHE A 280 -31.75 37.97 -19.19
C PHE A 280 -33.01 38.74 -18.85
N CYS A 281 -33.05 39.24 -17.62
CA CYS A 281 -34.18 40.01 -17.13
C CYS A 281 -33.66 41.38 -16.73
N LYS A 282 -34.44 42.40 -17.04
CA LYS A 282 -34.08 43.77 -16.74
C LYS A 282 -34.64 44.25 -15.39
N ASN A 283 -33.78 44.74 -14.50
CA ASN A 283 -34.20 45.28 -13.18
C ASN A 283 -34.51 46.79 -13.40
N LYS A 284 -35.76 47.11 -13.77
CA LYS A 284 -36.17 48.49 -14.08
C LYS A 284 -35.67 49.59 -13.14
N GLU A 285 -35.59 49.24 -11.86
CA GLU A 285 -35.15 50.13 -10.78
C GLU A 285 -33.71 50.56 -10.98
N LYS A 286 -32.77 49.65 -10.73
CA LYS A 286 -31.35 49.96 -10.91
C LYS A 286 -30.88 50.00 -12.38
N LYS A 287 -31.81 49.94 -13.33
CA LYS A 287 -31.47 49.95 -14.75
C LYS A 287 -30.26 49.09 -15.11
N CYS A 288 -30.31 47.81 -14.73
CA CYS A 288 -29.24 46.85 -15.01
C CYS A 288 -29.89 45.49 -15.31
N SER A 289 -29.10 44.43 -15.43
CA SER A 289 -29.70 43.16 -15.78
C SER A 289 -29.19 41.95 -15.03
N TYR A 290 -30.09 41.02 -14.78
CA TYR A 290 -29.77 39.77 -14.11
C TYR A 290 -30.35 38.62 -14.95
N THR A 291 -29.97 37.40 -14.61
CA THR A 291 -30.46 36.28 -15.38
C THR A 291 -31.19 35.25 -14.54
N GLU A 292 -32.25 34.64 -15.08
CA GLU A 292 -32.99 33.58 -14.38
C GLU A 292 -32.75 32.31 -15.18
N ASP A 293 -32.70 31.16 -14.51
CA ASP A 293 -32.50 29.92 -15.26
C ASP A 293 -33.78 29.28 -15.80
N ALA A 294 -33.59 28.32 -16.69
CA ALA A 294 -34.71 27.61 -17.29
C ALA A 294 -34.11 26.33 -17.80
N GLN A 295 -34.87 25.25 -17.80
CA GLN A 295 -34.30 24.01 -18.29
C GLN A 295 -35.32 23.18 -18.98
N CYS A 296 -34.91 22.52 -20.05
CA CYS A 296 -35.80 21.66 -20.76
C CYS A 296 -35.93 20.35 -20.01
N ILE A 297 -37.16 20.06 -19.59
CA ILE A 297 -37.47 18.81 -18.92
C ILE A 297 -38.58 18.03 -19.64
N ASP A 298 -38.17 16.97 -20.32
CA ASP A 298 -39.08 16.11 -21.05
C ASP A 298 -40.16 16.86 -21.84
N GLY A 299 -39.74 17.77 -22.72
CA GLY A 299 -40.69 18.49 -23.54
C GLY A 299 -41.19 19.82 -23.05
N THR A 300 -40.87 20.21 -21.84
CA THR A 300 -41.35 21.48 -21.35
C THR A 300 -40.20 22.33 -20.86
N ILE A 301 -40.29 23.64 -21.08
CA ILE A 301 -39.28 24.56 -20.57
C ILE A 301 -40.03 25.79 -20.14
N GLU A 302 -39.87 26.15 -18.89
CA GLU A 302 -40.59 27.32 -18.42
C GLU A 302 -39.71 28.51 -18.55
N VAL A 303 -40.14 29.49 -19.33
CA VAL A 303 -39.36 30.72 -19.49
C VAL A 303 -39.58 31.65 -18.30
N PRO A 304 -38.52 32.09 -17.59
CA PRO A 304 -38.69 32.99 -16.44
C PRO A 304 -39.77 34.03 -16.70
N LYS A 305 -40.67 34.21 -15.74
CA LYS A 305 -41.77 35.19 -15.87
C LYS A 305 -41.31 36.62 -16.13
N CYS A 306 -40.18 37.01 -15.55
CA CYS A 306 -39.69 38.36 -15.78
C CYS A 306 -39.13 38.63 -17.21
N PHE A 307 -38.86 37.58 -17.97
CA PHE A 307 -38.35 37.73 -19.33
C PHE A 307 -39.34 38.47 -20.21
N LYS A 308 -38.84 39.39 -21.03
CA LYS A 308 -39.69 40.16 -21.97
C LYS A 308 -39.08 39.94 -23.35
N GLU A 309 -39.89 39.65 -24.36
CA GLU A 309 -39.35 39.39 -25.70
C GLU A 309 -39.38 40.60 -26.62
N HIS A 310 -38.41 40.70 -27.52
CA HIS A 310 -38.37 41.82 -28.44
C HIS A 310 -39.39 41.58 -29.55
N THR A 311 -34.62 48.20 -24.17
CA THR A 311 -34.09 47.61 -25.41
C THR A 311 -33.18 46.42 -25.09
N ASP A 312 -33.77 45.23 -24.98
CA ASP A 312 -33.04 43.95 -24.72
C ASP A 312 -32.27 43.92 -23.39
N ALA A 313 -32.77 43.15 -22.45
CA ALA A 313 -32.11 43.05 -21.18
C ALA A 313 -30.71 42.53 -21.48
N SER A 314 -30.52 41.80 -22.58
CA SER A 314 -29.19 41.30 -22.91
C SER A 314 -28.11 42.41 -22.99
N ASP A 315 -28.47 43.51 -23.63
CA ASP A 315 -27.56 44.63 -23.85
C ASP A 315 -27.48 45.66 -22.73
N VAL A 316 -28.10 45.37 -21.60
CA VAL A 316 -28.05 46.28 -20.49
C VAL A 316 -26.95 45.80 -19.59
N LYS A 317 -26.27 46.74 -18.93
CA LYS A 317 -25.17 46.43 -18.03
C LYS A 317 -25.62 45.52 -16.92
N PRO A 318 -24.72 44.65 -16.42
CA PRO A 318 -25.03 43.71 -15.35
C PRO A 318 -25.25 44.39 -13.99
N CYS A 319 -25.84 43.71 -13.03
CA CYS A 319 -26.02 44.32 -11.71
C CYS A 319 -24.93 43.83 -10.78
C1 NAG B . -0.02 -17.22 4.61
C2 NAG B . -1.50 -17.11 4.91
C3 NAG B . -1.77 -16.37 6.19
C4 NAG B . -0.91 -16.87 7.35
C5 NAG B . 0.54 -16.96 6.89
C6 NAG B . 1.47 -17.55 7.94
C7 NAG B . -3.05 -17.00 3.12
C8 NAG B . -3.65 -16.19 1.98
N2 NAG B . -2.11 -16.40 3.82
O3 NAG B . -3.15 -16.51 6.51
O4 NAG B . -1.01 -15.98 8.47
O5 NAG B . 0.62 -17.80 5.72
O6 NAG B . 0.97 -18.80 8.39
O7 NAG B . -3.44 -18.15 3.35
C1 NAG B . -1.63 -16.47 9.61
C2 NAG B . -1.03 -15.83 10.88
C3 NAG B . -1.79 -16.37 12.10
C4 NAG B . -3.31 -16.19 11.96
C5 NAG B . -3.80 -16.74 10.59
C6 NAG B . -5.25 -16.40 10.26
C7 NAG B . 1.31 -15.25 10.82
C8 NAG B . 2.76 -15.68 11.00
N2 NAG B . 0.37 -16.17 11.02
O3 NAG B . -1.33 -15.73 13.30
O4 NAG B . -3.96 -16.88 13.06
O5 NAG B . -3.01 -16.18 9.51
O6 NAG B . -5.34 -15.34 9.32
O7 NAG B . 1.04 -14.10 10.48
C1 MAN B . -5.00 -16.26 13.81
C2 MAN B . -4.74 -14.72 14.03
C3 MAN B . -5.97 -14.04 14.70
C4 MAN B . -7.26 -14.41 13.95
C5 MAN B . -7.42 -15.96 13.85
C6 MAN B . -8.67 -16.42 13.06
O2 MAN B . -4.45 -14.06 12.79
O3 MAN B . -5.79 -12.62 14.71
O4 MAN B . -8.40 -13.85 14.62
O5 MAN B . -6.26 -16.51 13.15
O6 MAN B . -9.64 -17.03 13.92
C1 NAG C . -27.17 -3.27 -9.29
C2 NAG C . -27.28 -1.79 -8.92
C3 NAG C . -26.80 -1.55 -7.50
C4 NAG C . -27.62 -2.45 -6.59
C5 NAG C . -27.28 -3.91 -6.99
C6 NAG C . -27.87 -5.02 -6.14
C7 NAG C . -27.09 -0.15 -10.68
C8 NAG C . -26.15 0.68 -11.56
N2 NAG C . -26.49 -0.96 -9.82
O3 NAG C . -26.97 -0.18 -7.15
O4 NAG C . -27.41 -2.18 -5.18
O5 NAG C . -27.77 -4.13 -8.33
O6 NAG C . -28.53 -4.53 -4.99
O7 NAG C . -28.31 -0.05 -10.81
C1 NAG C . -26.14 -2.20 -4.62
C2 NAG C . -26.21 -2.51 -3.10
C3 NAG C . -26.83 -1.36 -2.30
C4 NAG C . -26.25 0.03 -2.69
C5 NAG C . -26.23 0.20 -4.24
C6 NAG C . -25.54 1.48 -4.70
C7 NAG C . -26.52 -4.81 -2.43
C8 NAG C . -27.47 -6.00 -2.21
N2 NAG C . -27.05 -3.69 -2.88
O3 NAG C . -26.61 -1.59 -0.91
O4 NAG C . -27.05 1.06 -2.10
O5 NAG C . -25.51 -0.91 -4.85
O6 NAG C . -26.27 2.64 -4.31
O7 NAG C . -25.31 -4.91 -2.21
C1 NAG D . 11.34 -27.97 -11.52
C2 NAG D . 12.61 -28.61 -10.96
C3 NAG D . 12.88 -29.96 -11.67
C4 NAG D . 11.66 -30.88 -11.53
C5 NAG D . 10.38 -30.16 -12.05
C6 NAG D . 9.11 -31.00 -11.75
C7 NAG D . 14.36 -27.17 -10.11
C8 NAG D . 15.53 -26.24 -10.41
N2 NAG D . 13.74 -27.72 -11.15
O3 NAG D . 14.02 -30.59 -11.09
O4 NAG D . 11.85 -32.11 -12.24
O5 NAG D . 10.20 -28.86 -11.38
O6 NAG D . 8.05 -30.70 -12.64
O7 NAG D . 14.02 -27.40 -8.93
C1 NAG E . -5.80 -5.02 -6.05
C2 NAG E . -4.33 -4.58 -6.24
C3 NAG E . -3.96 -3.26 -5.49
C4 NAG E . -5.08 -2.20 -5.58
C5 NAG E . -6.41 -2.86 -5.18
C6 NAG E . -7.60 -1.90 -5.14
C7 NAG E . -2.19 -5.75 -6.05
C8 NAG E . -1.43 -6.97 -5.53
N2 NAG E . -3.49 -5.69 -5.79
O3 NAG E . -2.76 -2.70 -6.01
O4 NAG E . -4.79 -1.10 -4.70
O5 NAG E . -6.71 -3.89 -6.13
O6 NAG E . -7.73 -1.30 -3.86
O7 NAG E . -1.57 -4.89 -6.66
#